data_5EZ7
#
_entry.id   5EZ7
#
_cell.length_a   37.890
_cell.length_b   79.830
_cell.length_c   63.230
_cell.angle_alpha   90.00
_cell.angle_beta   104.40
_cell.angle_gamma   90.00
#
_symmetry.space_group_name_H-M   'P 1 21 1'
#
loop_
_entity.id
_entity.type
_entity.pdbx_description
1 polymer 'flavoenzyme PA4991'
2 non-polymer 'FLAVIN-ADENINE DINUCLEOTIDE'
3 non-polymer 'MERCURY (II) ION'
4 water water
#
_entity_poly.entity_id   1
_entity_poly.type   'polypeptide(L)'
_entity_poly.pdbx_seq_one_letter_code
;SMPQALSTDILIVGGGIAGLWLNARLRRAGYATVLVESASLGGGQSVKSQGIIHGGAKYALHGALTGASEAIADMPRRWR
ACLGSDGELDLRGVRLLSEAHYLWSPGGLAGSLTSFFASKAVRSRVEQAKGEDLPPALRDKGFKGKAYRLTEIVFDVPDL
IRRLAELAGDSLLAGERIEPLREGRELAGLCVDGREIRAQRVVLSAGAGNEALLRELGLEQPAMQRRPLHMVMVKAATLK
PLYAHCLGAGPKPRITVTTHPTRDGQSVWYLGGDIAETDGVARDEAAQIAEARRELAKLLPWIDLGQAQWATLRVDRAEP
AQSNLLRPDNAFLAEQGRLLVGWPTKLALAPDFADRVCARLEEDGIRPSEHAALPQLPRPPLAEPAWEVAFA
;
_entity_poly.pdbx_strand_id   A
#
loop_
_chem_comp.id
_chem_comp.type
_chem_comp.name
_chem_comp.formula
FAD non-polymer 'FLAVIN-ADENINE DINUCLEOTIDE' 'C27 H33 N9 O15 P2'
HG non-polymer 'MERCURY (II) ION' 'Hg 2'
#
# COMPACT_ATOMS: atom_id res chain seq x y z
N MET A 2 25.75 4.23 -25.04
CA MET A 2 24.86 5.33 -24.53
C MET A 2 23.38 5.05 -24.79
N PRO A 3 22.58 4.86 -23.72
CA PRO A 3 21.11 4.79 -23.91
C PRO A 3 20.51 6.16 -24.23
N GLN A 4 19.36 6.15 -24.90
CA GLN A 4 18.70 7.37 -25.38
C GLN A 4 18.28 8.26 -24.21
N ALA A 5 18.73 9.51 -24.19
CA ALA A 5 18.40 10.39 -23.08
C ALA A 5 16.90 10.70 -23.03
N LEU A 6 16.36 10.91 -21.84
CA LEU A 6 14.94 11.19 -21.69
C LEU A 6 14.71 12.52 -21.01
N SER A 7 13.50 13.04 -21.20
CA SER A 7 13.08 14.33 -20.71
C SER A 7 11.59 14.18 -20.33
N THR A 8 11.21 14.51 -19.09
CA THR A 8 9.81 14.59 -18.68
C THR A 8 9.60 15.75 -17.70
N ASP A 9 8.39 15.82 -17.15
CA ASP A 9 8.06 16.75 -16.12
C ASP A 9 8.40 16.23 -14.75
N ILE A 10 7.81 15.09 -14.35
CA ILE A 10 8.04 14.51 -13.01
C ILE A 10 8.58 13.09 -13.17
N LEU A 11 9.70 12.84 -12.51
CA LEU A 11 10.35 11.55 -12.46
C LEU A 11 10.09 10.93 -11.07
N ILE A 12 9.38 9.81 -10.98
CA ILE A 12 8.99 9.16 -9.72
C ILE A 12 9.92 7.93 -9.53
N VAL A 13 10.44 7.71 -8.31
CA VAL A 13 11.26 6.53 -8.01
C VAL A 13 10.48 5.69 -7.02
N GLY A 14 10.08 4.51 -7.45
CA GLY A 14 9.33 3.59 -6.63
C GLY A 14 7.92 3.40 -7.09
N GLY A 15 7.59 2.19 -7.51
CA GLY A 15 6.26 1.78 -7.98
C GLY A 15 5.48 0.89 -7.01
N GLY A 16 5.33 1.34 -5.79
CA GLY A 16 4.29 0.85 -4.91
C GLY A 16 3.05 1.71 -5.06
N ILE A 17 2.09 1.52 -4.18
CA ILE A 17 0.88 2.26 -4.24
C ILE A 17 1.08 3.81 -4.30
N ALA A 18 2.04 4.36 -3.55
CA ALA A 18 2.13 5.79 -3.49
C ALA A 18 2.64 6.35 -4.82
N GLY A 19 3.69 5.75 -5.38
CA GLY A 19 4.25 6.18 -6.66
C GLY A 19 3.31 5.98 -7.83
N LEU A 20 2.56 4.89 -7.81
CA LEU A 20 1.69 4.54 -8.91
C LEU A 20 0.46 5.41 -8.89
N TRP A 21 -0.04 5.73 -7.71
CA TRP A 21 -1.23 6.53 -7.58
C TRP A 21 -0.90 7.90 -8.02
N LEU A 22 0.18 8.45 -7.46
CA LEU A 22 0.67 9.77 -7.87
C LEU A 22 0.91 9.82 -9.36
N ASN A 23 1.56 8.80 -9.89
CA ASN A 23 1.82 8.79 -11.33
C ASN A 23 0.51 8.92 -12.11
N ALA A 24 -0.51 8.19 -11.68
CA ALA A 24 -1.75 8.19 -12.40
C ALA A 24 -2.44 9.57 -12.34
N ARG A 25 -2.45 10.18 -11.17
CA ARG A 25 -2.94 11.54 -11.00
C ARG A 25 -2.24 12.58 -11.91
N LEU A 26 -0.90 12.51 -11.96
CA LEU A 26 -0.11 13.46 -12.72
C LEU A 26 -0.38 13.37 -14.21
N ARG A 27 -0.35 12.15 -14.74
CA ARG A 27 -0.69 11.88 -16.12
C ARG A 27 -2.09 12.34 -16.47
N ARG A 28 -3.02 12.12 -15.56
CA ARG A 28 -4.38 12.56 -15.75
C ARG A 28 -4.46 14.09 -15.81
N ALA A 29 -3.66 14.76 -14.98
CA ALA A 29 -3.60 16.21 -15.00
C ALA A 29 -2.78 16.77 -16.19
N GLY A 30 -2.31 15.91 -17.13
CA GLY A 30 -1.56 16.35 -18.33
C GLY A 30 -0.03 16.39 -18.20
N TYR A 31 0.53 15.89 -17.10
CA TYR A 31 2.00 15.91 -16.94
C TYR A 31 2.58 14.71 -17.63
N ALA A 32 3.78 14.86 -18.16
CA ALA A 32 4.52 13.71 -18.65
C ALA A 32 5.37 13.18 -17.48
N THR A 33 5.48 11.87 -17.37
CA THR A 33 6.17 11.21 -16.26
C THR A 33 7.00 10.03 -16.70
N VAL A 34 8.01 9.71 -15.90
CA VAL A 34 8.66 8.40 -15.90
C VAL A 34 8.60 7.87 -14.47
N LEU A 35 8.27 6.58 -14.32
CA LEU A 35 8.26 5.93 -13.01
C LEU A 35 9.23 4.78 -13.04
N VAL A 36 10.18 4.84 -12.12
CA VAL A 36 11.32 3.94 -12.09
C VAL A 36 11.14 3.01 -10.93
N GLU A 37 11.22 1.72 -11.20
CA GLU A 37 11.10 0.63 -10.19
C GLU A 37 12.23 -0.37 -10.39
N SER A 38 12.86 -0.77 -9.29
CA SER A 38 14.09 -1.58 -9.31
C SER A 38 13.77 -3.09 -9.14
N ALA A 39 12.57 -3.41 -8.71
CA ALA A 39 12.15 -4.79 -8.59
C ALA A 39 10.75 -4.89 -9.20
N SER A 40 9.75 -5.28 -8.43
CA SER A 40 8.46 -5.51 -9.01
C SER A 40 7.45 -4.54 -8.44
N LEU A 41 6.55 -4.08 -9.30
CA LEU A 41 5.56 -3.13 -8.89
C LEU A 41 4.62 -3.71 -7.83
N GLY A 42 4.36 -2.91 -6.81
CA GLY A 42 3.62 -3.36 -5.63
C GLY A 42 4.41 -4.28 -4.68
N GLY A 43 5.67 -4.55 -4.95
CA GLY A 43 6.40 -5.65 -4.32
C GLY A 43 7.10 -5.37 -2.97
N GLY A 44 6.99 -4.16 -2.46
CA GLY A 44 7.46 -3.87 -1.10
C GLY A 44 6.26 -4.12 -0.21
N GLN A 45 5.82 -3.09 0.47
CA GLN A 45 4.72 -3.17 1.41
C GLN A 45 3.35 -3.35 0.81
N SER A 46 3.11 -2.75 -0.37
CA SER A 46 1.76 -2.64 -0.93
C SER A 46 0.98 -3.93 -1.16
N VAL A 47 1.57 -4.87 -1.87
CA VAL A 47 0.90 -6.14 -2.16
C VAL A 47 0.87 -7.00 -0.91
N LYS A 48 1.69 -6.66 0.10
CA LYS A 48 1.65 -7.32 1.39
C LYS A 48 0.69 -6.69 2.38
N SER A 49 0.02 -5.60 2.00
CA SER A 49 -0.95 -5.01 2.90
C SER A 49 -2.21 -5.88 3.00
N GLN A 50 -3.07 -5.51 3.92
CA GLN A 50 -4.37 -6.16 4.06
C GLN A 50 -5.42 -5.48 3.18
N GLY A 51 -5.06 -4.36 2.55
CA GLY A 51 -5.92 -3.74 1.51
C GLY A 51 -7.07 -2.96 2.07
N ILE A 52 -7.04 -2.71 3.39
CA ILE A 52 -8.19 -2.10 4.04
C ILE A 52 -8.08 -0.61 3.85
N ILE A 53 -9.14 0.01 3.38
CA ILE A 53 -9.21 1.47 3.33
C ILE A 53 -9.88 2.06 4.56
N HIS A 54 -9.01 2.44 5.49
CA HIS A 54 -9.37 3.01 6.78
C HIS A 54 -10.04 4.37 6.59
N GLY A 55 -10.96 4.72 7.48
CA GLY A 55 -11.56 6.05 7.46
C GLY A 55 -11.89 6.57 8.83
N GLY A 56 -10.98 6.38 9.78
CA GLY A 56 -11.31 6.64 11.21
C GLY A 56 -10.09 7.02 12.02
N THR A 66 -11.00 16.22 14.51
CA THR A 66 -10.62 15.62 13.24
C THR A 66 -9.67 16.53 12.43
N GLY A 67 -8.87 17.36 13.11
CA GLY A 67 -7.91 18.28 12.44
C GLY A 67 -6.92 17.58 11.52
N ALA A 68 -5.95 16.87 12.11
CA ALA A 68 -5.04 15.96 11.39
C ALA A 68 -5.81 14.74 10.86
N SER A 69 -6.61 14.14 11.75
CA SER A 69 -7.49 13.00 11.42
C SER A 69 -8.58 13.29 10.35
N GLU A 70 -8.64 14.49 9.77
CA GLU A 70 -9.52 14.76 8.62
C GLU A 70 -9.11 13.97 7.38
N ALA A 71 -7.80 13.85 7.14
CA ALA A 71 -7.31 13.32 5.86
C ALA A 71 -7.74 11.87 5.68
N ILE A 72 -7.45 11.03 6.67
CA ILE A 72 -7.89 9.63 6.68
C ILE A 72 -9.42 9.42 6.62
N ALA A 73 -10.19 10.27 7.30
CA ALA A 73 -11.67 10.12 7.40
C ALA A 73 -12.40 10.15 6.05
N ASP A 74 -11.83 10.89 5.12
CA ASP A 74 -12.37 11.03 3.78
C ASP A 74 -11.88 9.94 2.79
N MET A 75 -11.00 9.03 3.21
CA MET A 75 -10.40 8.08 2.27
C MET A 75 -11.41 7.05 1.71
N PRO A 76 -12.20 6.36 2.56
CA PRO A 76 -13.18 5.43 1.96
C PRO A 76 -14.10 6.07 0.89
N ARG A 77 -14.61 7.26 1.13
CA ARG A 77 -15.39 7.94 0.09
C ARG A 77 -14.56 8.15 -1.19
N ARG A 78 -13.39 8.74 -1.03
CA ARG A 78 -12.53 8.97 -2.19
C ARG A 78 -12.17 7.71 -3.01
N TRP A 79 -11.85 6.60 -2.35
CA TRP A 79 -11.51 5.36 -3.05
C TRP A 79 -12.72 4.74 -3.71
N ARG A 80 -13.85 4.77 -3.01
CA ARG A 80 -15.14 4.37 -3.57
C ARG A 80 -15.45 5.12 -4.87
N ALA A 81 -15.38 6.44 -4.82
CA ALA A 81 -15.67 7.22 -6.02
C ALA A 81 -14.88 6.70 -7.24
N CYS A 82 -13.64 6.29 -7.04
CA CYS A 82 -12.78 5.88 -8.17
C CYS A 82 -13.29 4.66 -8.88
N LEU A 83 -14.09 3.85 -8.19
CA LEU A 83 -14.62 2.64 -8.78
C LEU A 83 -15.78 2.88 -9.70
N GLY A 84 -16.24 4.13 -9.75
CA GLY A 84 -17.37 4.53 -10.58
C GLY A 84 -16.92 5.56 -11.57
N SER A 85 -17.85 6.41 -11.97
CA SER A 85 -17.65 7.35 -13.09
C SER A 85 -16.94 8.67 -12.72
N ASP A 86 -16.98 9.04 -11.43
CA ASP A 86 -16.69 10.41 -10.99
C ASP A 86 -15.60 10.46 -9.90
N GLY A 87 -14.69 9.49 -9.88
CA GLY A 87 -13.60 9.54 -8.91
C GLY A 87 -12.40 10.29 -9.44
N GLU A 88 -11.43 10.55 -8.57
CA GLU A 88 -10.17 11.21 -9.00
C GLU A 88 -9.23 10.32 -9.89
N LEU A 89 -9.44 9.00 -9.89
CA LEU A 89 -8.83 8.10 -10.88
C LEU A 89 -9.88 7.13 -11.44
N ASP A 90 -9.65 6.66 -12.67
CA ASP A 90 -10.47 5.60 -13.24
C ASP A 90 -10.02 4.23 -12.79
N LEU A 91 -10.57 3.76 -11.67
CA LEU A 91 -10.36 2.39 -11.22
C LEU A 91 -11.62 1.57 -11.46
N ARG A 92 -12.36 1.86 -12.54
CA ARG A 92 -13.55 1.04 -12.79
C ARG A 92 -13.15 -0.40 -13.10
N GLY A 93 -13.86 -1.35 -12.50
CA GLY A 93 -13.57 -2.79 -12.68
C GLY A 93 -12.39 -3.35 -11.86
N VAL A 94 -11.88 -2.56 -10.93
CA VAL A 94 -10.97 -3.08 -9.93
C VAL A 94 -11.81 -3.92 -8.94
N ARG A 95 -11.26 -5.07 -8.61
CA ARG A 95 -11.88 -6.01 -7.71
C ARG A 95 -11.79 -5.51 -6.27
N LEU A 96 -12.94 -5.44 -5.61
CA LEU A 96 -13.00 -5.39 -4.17
C LEU A 96 -13.09 -6.80 -3.62
N LEU A 97 -12.32 -7.08 -2.60
CA LEU A 97 -12.51 -8.32 -1.88
C LEU A 97 -13.82 -8.25 -1.07
N SER A 98 -14.10 -7.08 -0.47
CA SER A 98 -15.30 -6.92 0.34
C SER A 98 -15.75 -5.51 0.26
N GLU A 99 -17.06 -5.34 0.23
CA GLU A 99 -17.68 -4.03 0.15
C GLU A 99 -17.65 -3.32 1.50
N ALA A 100 -17.26 -4.04 2.54
CA ALA A 100 -17.27 -3.55 3.89
C ALA A 100 -16.21 -4.32 4.70
N HIS A 101 -15.60 -3.60 5.63
CA HIS A 101 -14.77 -4.18 6.65
C HIS A 101 -15.57 -4.01 7.93
N TYR A 102 -15.39 -4.92 8.88
CA TYR A 102 -16.26 -4.98 10.10
C TYR A 102 -15.46 -4.84 11.40
N LEU A 103 -16.14 -4.40 12.46
CA LEU A 103 -15.64 -4.50 13.84
C LEU A 103 -16.39 -5.66 14.46
N TRP A 104 -15.72 -6.31 15.38
CA TRP A 104 -16.15 -7.59 15.91
C TRP A 104 -15.82 -7.60 17.41
N SER A 105 -16.88 -7.59 18.22
CA SER A 105 -16.81 -7.31 19.67
C SER A 105 -17.33 -8.53 20.45
N PRO A 106 -17.05 -8.59 21.78
CA PRO A 106 -17.66 -9.64 22.60
C PRO A 106 -18.78 -9.09 23.50
N VAL A 126 -21.99 3.79 11.62
CA VAL A 126 -21.88 2.32 11.48
C VAL A 126 -23.23 1.59 11.61
N GLU A 127 -23.25 0.32 11.24
CA GLU A 127 -24.45 -0.51 11.22
C GLU A 127 -24.21 -1.75 12.04
N GLN A 128 -25.12 -2.10 12.94
CA GLN A 128 -25.01 -3.41 13.58
C GLN A 128 -25.55 -4.50 12.65
N ALA A 129 -24.69 -5.45 12.30
CA ALA A 129 -25.00 -6.45 11.29
C ALA A 129 -25.65 -7.63 11.96
N LYS A 130 -26.69 -8.17 11.33
CA LYS A 130 -27.42 -9.32 11.86
C LYS A 130 -27.88 -10.27 10.79
N GLY A 131 -28.12 -11.52 11.20
CA GLY A 131 -28.60 -12.57 10.33
C GLY A 131 -27.66 -12.75 9.17
N GLU A 132 -28.18 -12.62 7.96
CA GLU A 132 -27.37 -12.81 6.76
C GLU A 132 -26.70 -11.48 6.29
N ASP A 133 -26.92 -10.37 7.01
CA ASP A 133 -26.02 -9.20 6.91
C ASP A 133 -24.62 -9.47 7.54
N LEU A 134 -24.52 -10.50 8.42
CA LEU A 134 -23.21 -10.86 9.03
C LEU A 134 -22.30 -11.43 8.00
N PRO A 135 -20.97 -11.16 8.14
CA PRO A 135 -19.99 -11.87 7.27
C PRO A 135 -20.17 -13.41 7.37
N PRO A 136 -19.98 -14.13 6.23
CA PRO A 136 -20.15 -15.58 6.18
C PRO A 136 -19.51 -16.37 7.35
N ALA A 137 -18.29 -15.98 7.73
CA ALA A 137 -17.55 -16.61 8.82
C ALA A 137 -18.15 -16.39 10.23
N LEU A 138 -19.09 -15.46 10.37
CA LEU A 138 -19.79 -15.20 11.63
C LEU A 138 -21.30 -15.54 11.61
N ARG A 139 -21.76 -16.24 10.59
CA ARG A 139 -23.16 -16.64 10.50
C ARG A 139 -23.55 -17.75 11.42
N ASP A 140 -22.58 -18.53 11.88
CA ASP A 140 -22.79 -19.65 12.80
C ASP A 140 -23.62 -19.29 14.04
N LYS A 141 -24.35 -20.27 14.58
CA LYS A 141 -25.18 -20.11 15.77
C LYS A 141 -24.36 -19.92 17.05
N GLY A 142 -23.14 -20.48 17.04
CA GLY A 142 -22.13 -20.24 18.07
C GLY A 142 -21.59 -18.83 18.12
N PHE A 143 -21.82 -18.02 17.08
CA PHE A 143 -21.43 -16.63 17.15
C PHE A 143 -22.20 -15.88 18.21
N LYS A 144 -21.49 -15.51 19.26
CA LYS A 144 -22.01 -14.69 20.34
C LYS A 144 -21.28 -13.38 20.20
N GLY A 145 -21.81 -12.33 20.80
CA GLY A 145 -21.25 -11.00 20.60
C GLY A 145 -21.83 -10.40 19.32
N LYS A 146 -21.20 -9.32 18.87
CA LYS A 146 -21.81 -8.46 17.87
C LYS A 146 -20.83 -7.87 16.90
N ALA A 147 -21.30 -7.70 15.67
CA ALA A 147 -20.48 -7.19 14.59
C ALA A 147 -21.10 -5.92 14.04
N TYR A 148 -20.22 -4.99 13.64
CA TYR A 148 -20.60 -3.67 13.14
C TYR A 148 -19.97 -3.44 11.76
N ARG A 149 -20.80 -3.16 10.77
CA ARG A 149 -20.39 -2.88 9.39
C ARG A 149 -19.83 -1.43 9.23
N LEU A 150 -18.65 -1.26 8.64
CA LEU A 150 -18.07 0.08 8.43
C LEU A 150 -18.15 0.47 6.97
N THR A 151 -17.96 1.76 6.72
CA THR A 151 -17.86 2.32 5.36
C THR A 151 -16.54 1.97 4.71
N GLU A 152 -15.57 1.56 5.52
CA GLU A 152 -14.29 1.08 5.03
C GLU A 152 -14.44 -0.06 4.01
N ILE A 153 -13.49 -0.15 3.08
CA ILE A 153 -13.59 -1.02 1.91
C ILE A 153 -12.37 -1.87 1.94
N VAL A 154 -12.43 -3.06 1.33
CA VAL A 154 -11.24 -3.90 1.13
C VAL A 154 -10.99 -4.24 -0.32
N PHE A 155 -9.81 -3.83 -0.79
CA PHE A 155 -9.43 -3.90 -2.20
C PHE A 155 -8.62 -5.15 -2.41
N ASP A 156 -8.76 -5.77 -3.58
CA ASP A 156 -7.81 -6.77 -4.08
C ASP A 156 -6.61 -5.97 -4.60
N VAL A 157 -5.55 -5.92 -3.82
CA VAL A 157 -4.40 -5.05 -4.10
C VAL A 157 -3.65 -5.42 -5.39
N PRO A 158 -3.34 -6.70 -5.59
CA PRO A 158 -2.74 -7.02 -6.88
C PRO A 158 -3.54 -6.49 -8.11
N ASP A 159 -4.85 -6.61 -8.08
CA ASP A 159 -5.69 -6.08 -9.13
C ASP A 159 -5.72 -4.53 -9.18
N LEU A 160 -5.56 -3.88 -8.02
CA LEU A 160 -5.44 -2.43 -7.95
C LEU A 160 -4.17 -1.92 -8.64
N ILE A 161 -3.09 -2.64 -8.35
CA ILE A 161 -1.77 -2.36 -8.90
C ILE A 161 -1.70 -2.58 -10.37
N ARG A 162 -2.33 -3.65 -10.84
CA ARG A 162 -2.47 -3.93 -12.28
C ARG A 162 -3.12 -2.72 -13.02
N ARG A 163 -4.22 -2.23 -12.49
CA ARG A 163 -4.92 -1.05 -13.06
C ARG A 163 -4.10 0.25 -13.03
N LEU A 164 -3.44 0.51 -11.91
CA LEU A 164 -2.57 1.68 -11.85
C LEU A 164 -1.40 1.55 -12.80
N ALA A 165 -0.95 0.34 -13.07
CA ALA A 165 0.09 0.13 -14.05
C ALA A 165 -0.43 0.35 -15.44
N GLU A 166 -1.67 -0.06 -15.74
CA GLU A 166 -2.31 0.30 -17.01
C GLU A 166 -2.39 1.81 -17.19
N LEU A 167 -2.86 2.51 -16.15
CA LEU A 167 -2.95 4.00 -16.17
C LEU A 167 -1.61 4.71 -16.33
N ALA A 168 -0.51 4.01 -16.01
CA ALA A 168 0.84 4.51 -16.20
C ALA A 168 1.19 4.59 -17.64
N GLY A 169 0.58 3.74 -18.46
CA GLY A 169 0.91 3.69 -19.90
C GLY A 169 2.39 3.36 -20.13
N ASP A 170 3.06 4.22 -20.91
CA ASP A 170 4.47 4.04 -21.28
C ASP A 170 5.46 4.65 -20.29
N SER A 171 4.98 5.22 -19.19
CA SER A 171 5.86 5.85 -18.21
C SER A 171 6.74 4.86 -17.44
N LEU A 172 6.40 3.57 -17.45
CA LEU A 172 7.04 2.62 -16.56
C LEU A 172 8.42 2.15 -16.99
N LEU A 173 9.39 2.28 -16.08
CA LEU A 173 10.75 1.90 -16.35
C LEU A 173 11.36 1.04 -15.25
N ALA A 174 11.76 -0.17 -15.64
CA ALA A 174 12.68 -0.97 -14.85
C ALA A 174 14.07 -0.34 -14.85
N GLY A 175 14.52 0.08 -13.68
CA GLY A 175 15.88 0.56 -13.51
C GLY A 175 16.42 0.21 -12.13
N GLU A 176 17.64 -0.30 -12.11
CA GLU A 176 18.23 -0.85 -10.92
C GLU A 176 19.14 0.15 -10.21
N ARG A 177 20.01 0.80 -10.97
CA ARG A 177 21.06 1.61 -10.38
C ARG A 177 20.84 3.11 -10.69
N ILE A 178 20.75 3.92 -9.64
CA ILE A 178 20.43 5.34 -9.77
C ILE A 178 21.50 6.29 -9.26
N GLU A 179 21.90 7.26 -10.09
CA GLU A 179 22.80 8.33 -9.66
C GLU A 179 22.15 9.70 -9.84
N PRO A 180 22.59 10.69 -9.08
CA PRO A 180 22.07 12.03 -9.32
C PRO A 180 22.63 12.68 -10.60
N LEU A 181 21.80 13.49 -11.23
CA LEU A 181 22.20 14.23 -12.40
C LEU A 181 22.11 15.67 -11.93
N ARG A 182 23.27 16.30 -11.76
CA ARG A 182 23.38 17.65 -11.21
C ARG A 182 23.55 18.71 -12.28
N GLU A 183 23.20 19.95 -11.92
CA GLU A 183 23.62 21.17 -12.64
C GLU A 183 24.12 22.15 -11.61
N GLY A 184 25.43 22.07 -11.33
CA GLY A 184 25.98 22.73 -10.17
C GLY A 184 25.43 22.01 -8.95
N ARG A 185 24.73 22.74 -8.11
CA ARG A 185 24.14 22.14 -6.92
C ARG A 185 22.70 21.65 -7.15
N GLU A 186 22.09 22.03 -8.27
CA GLU A 186 20.69 21.73 -8.57
C GLU A 186 20.53 20.25 -9.03
N LEU A 187 19.44 19.60 -8.63
CA LEU A 187 19.10 18.26 -9.10
C LEU A 187 18.28 18.31 -10.39
N ALA A 188 18.90 18.01 -11.50
CA ALA A 188 18.25 18.15 -12.81
C ALA A 188 17.50 16.86 -13.23
N GLY A 189 17.65 15.79 -12.46
CA GLY A 189 17.16 14.50 -12.87
C GLY A 189 17.97 13.41 -12.26
N LEU A 190 17.91 12.22 -12.88
CA LEU A 190 18.71 11.10 -12.47
C LEU A 190 19.27 10.37 -13.66
N CYS A 191 20.32 9.61 -13.38
CA CYS A 191 20.97 8.73 -14.31
C CYS A 191 20.56 7.35 -13.85
N VAL A 192 19.83 6.63 -14.69
CA VAL A 192 19.29 5.32 -14.36
C VAL A 192 19.92 4.31 -15.29
N ASP A 193 20.72 3.40 -14.77
CA ASP A 193 21.48 2.44 -15.56
C ASP A 193 22.20 3.14 -16.69
N GLY A 194 22.85 4.24 -16.36
CA GLY A 194 23.60 5.03 -17.35
C GLY A 194 22.78 5.87 -18.31
N ARG A 195 21.45 5.96 -18.08
CA ARG A 195 20.54 6.74 -18.92
C ARG A 195 20.16 8.06 -18.24
N GLU A 196 20.37 9.16 -18.94
CA GLU A 196 20.15 10.47 -18.34
C GLU A 196 18.70 10.84 -18.59
N ILE A 197 18.02 11.22 -17.50
CA ILE A 197 16.60 11.53 -17.52
C ILE A 197 16.37 12.87 -16.83
N ARG A 198 16.02 13.88 -17.59
CA ARG A 198 15.89 15.23 -17.06
C ARG A 198 14.46 15.47 -16.62
N ALA A 199 14.26 16.18 -15.51
CA ALA A 199 12.88 16.40 -15.01
C ALA A 199 12.78 17.60 -14.11
N GLN A 200 11.61 18.25 -14.10
CA GLN A 200 11.41 19.53 -13.40
C GLN A 200 11.44 19.22 -11.94
N ARG A 201 10.95 18.03 -11.60
CA ARG A 201 11.05 17.50 -10.22
C ARG A 201 11.35 16.04 -10.18
N VAL A 202 11.83 15.58 -9.02
CA VAL A 202 12.10 14.16 -8.74
C VAL A 202 11.38 13.84 -7.43
N VAL A 203 10.53 12.82 -7.47
CA VAL A 203 9.82 12.34 -6.30
C VAL A 203 10.28 10.94 -5.88
N LEU A 204 10.65 10.82 -4.62
CA LEU A 204 11.03 9.52 -4.01
C LEU A 204 9.87 8.94 -3.22
N SER A 205 9.20 7.94 -3.84
CA SER A 205 8.13 7.15 -3.22
C SER A 205 8.58 5.68 -3.16
N ALA A 206 9.79 5.46 -2.64
CA ALA A 206 10.44 4.17 -2.73
C ALA A 206 10.34 3.36 -1.44
N GLY A 207 9.44 3.73 -0.54
CA GLY A 207 9.19 2.99 0.67
C GLY A 207 10.40 2.95 1.52
N ALA A 208 10.77 1.76 1.92
CA ALA A 208 12.01 1.49 2.65
C ALA A 208 13.25 1.84 1.85
N GLY A 209 13.15 1.77 0.54
CA GLY A 209 14.24 2.23 -0.29
C GLY A 209 14.55 3.72 -0.22
N ASN A 210 13.63 4.55 0.30
CA ASN A 210 13.90 6.02 0.41
C ASN A 210 15.16 6.35 1.20
N GLU A 211 15.46 5.57 2.24
CA GLU A 211 16.64 5.87 3.07
C GLU A 211 17.98 5.91 2.25
N ALA A 212 18.29 4.80 1.57
CA ALA A 212 19.50 4.67 0.70
C ALA A 212 19.51 5.61 -0.52
N LEU A 213 18.35 5.87 -1.10
CA LEU A 213 18.27 6.92 -2.14
C LEU A 213 18.62 8.31 -1.60
N LEU A 214 18.13 8.66 -0.41
CA LEU A 214 18.53 9.91 0.21
C LEU A 214 20.03 9.95 0.41
N ARG A 215 20.65 8.87 0.88
CA ARG A 215 22.12 8.85 1.08
C ARG A 215 22.86 9.03 -0.23
N GLU A 216 22.38 8.36 -1.26
CA GLU A 216 22.87 8.54 -2.64
C GLU A 216 22.89 10.00 -3.15
N LEU A 217 21.91 10.79 -2.73
CA LEU A 217 21.87 12.22 -2.97
C LEU A 217 22.64 13.06 -1.92
N GLY A 218 23.42 12.42 -1.05
CA GLY A 218 24.08 13.09 0.06
C GLY A 218 23.20 13.70 1.14
N LEU A 219 21.98 13.16 1.32
CA LEU A 219 21.05 13.65 2.34
C LEU A 219 20.77 12.64 3.44
N GLU A 220 20.48 13.16 4.62
CA GLU A 220 20.11 12.35 5.77
C GLU A 220 18.72 12.68 6.35
N GLN A 221 18.16 13.82 5.97
CA GLN A 221 16.77 14.17 6.20
C GLN A 221 15.97 14.02 4.93
N PRO A 222 14.68 13.68 5.05
CA PRO A 222 14.02 13.20 6.30
C PRO A 222 14.41 11.78 6.73
N ALA A 223 14.53 11.55 8.04
CA ALA A 223 14.94 10.25 8.58
C ALA A 223 13.76 9.30 8.54
N MET A 224 14.06 8.01 8.48
CA MET A 224 13.07 6.96 8.29
C MET A 224 13.14 6.03 9.47
N GLN A 225 12.00 5.43 9.83
CA GLN A 225 11.99 4.32 10.79
C GLN A 225 11.37 3.08 10.12
N ARG A 226 11.66 1.93 10.69
CA ARG A 226 11.20 0.62 10.20
C ARG A 226 10.48 -0.05 11.37
N ARG A 227 9.19 -0.34 11.22
CA ARG A 227 8.46 -0.97 12.31
C ARG A 227 8.01 -2.31 11.81
N PRO A 228 8.68 -3.37 12.28
CA PRO A 228 8.37 -4.68 11.71
C PRO A 228 6.96 -5.21 12.10
N LEU A 229 6.44 -6.08 11.25
CA LEU A 229 5.23 -6.88 11.54
C LEU A 229 5.58 -8.35 11.35
N HIS A 230 4.92 -9.24 12.09
CA HIS A 230 4.94 -10.72 11.85
C HIS A 230 3.54 -11.23 11.53
N MET A 231 3.18 -11.15 10.26
CA MET A 231 1.87 -11.53 9.77
C MET A 231 1.77 -13.03 9.65
N VAL A 232 0.56 -13.59 9.81
CA VAL A 232 0.32 -15.01 9.75
C VAL A 232 -0.64 -15.28 8.61
N MET A 233 -0.43 -16.35 7.87
CA MET A 233 -1.34 -16.75 6.77
C MET A 233 -1.83 -18.18 7.07
N VAL A 234 -3.15 -18.41 6.97
CA VAL A 234 -3.73 -19.76 7.01
C VAL A 234 -4.42 -20.05 5.68
N LYS A 235 -4.12 -21.21 5.10
CA LYS A 235 -4.75 -21.65 3.88
C LYS A 235 -5.55 -22.96 4.04
N ALA A 236 -6.81 -22.96 3.65
CA ALA A 236 -7.64 -24.13 3.72
C ALA A 236 -8.83 -24.01 2.80
N ALA A 237 -9.39 -25.13 2.45
CA ALA A 237 -10.64 -25.22 1.73
C ALA A 237 -11.86 -24.77 2.57
N THR A 238 -11.77 -24.88 3.89
CA THR A 238 -12.95 -24.71 4.77
C THR A 238 -13.19 -23.24 5.19
N LEU A 239 -12.31 -22.34 4.80
CA LEU A 239 -12.42 -20.97 5.26
C LEU A 239 -13.64 -20.30 4.63
N LYS A 240 -14.26 -19.39 5.37
CA LYS A 240 -15.36 -18.59 4.89
C LYS A 240 -14.90 -17.13 4.93
N PRO A 241 -15.38 -16.33 3.97
CA PRO A 241 -14.91 -14.94 3.89
C PRO A 241 -15.18 -14.12 5.21
N LEU A 242 -14.19 -13.31 5.56
CA LEU A 242 -14.17 -12.51 6.73
C LEU A 242 -13.18 -11.35 6.56
N TYR A 243 -13.67 -10.16 6.93
CA TYR A 243 -12.86 -8.92 6.89
C TYR A 243 -13.19 -8.15 8.16
N ALA A 244 -12.32 -8.19 9.18
CA ALA A 244 -12.72 -7.68 10.48
C ALA A 244 -11.57 -7.36 11.43
N HIS A 245 -11.76 -6.34 12.25
CA HIS A 245 -10.92 -6.11 13.43
C HIS A 245 -11.62 -6.78 14.63
N CYS A 246 -10.94 -7.70 15.32
CA CYS A 246 -11.45 -8.27 16.59
C CYS A 246 -10.98 -7.39 17.72
N LEU A 247 -11.93 -6.80 18.41
CA LEU A 247 -11.61 -6.07 19.63
C LEU A 247 -11.90 -6.95 20.82
N GLY A 248 -10.95 -6.94 21.75
CA GLY A 248 -11.23 -7.23 23.14
C GLY A 248 -11.35 -5.87 23.78
N ALA A 249 -10.75 -5.74 24.97
CA ALA A 249 -10.50 -4.45 25.61
C ALA A 249 -9.26 -3.80 24.94
N GLY A 250 -9.20 -2.47 25.01
CA GLY A 250 -8.11 -1.69 24.41
C GLY A 250 -8.48 -1.15 23.05
N PRO A 251 -7.95 0.04 22.67
CA PRO A 251 -8.29 0.63 21.36
C PRO A 251 -7.97 -0.26 20.16
N LYS A 252 -6.83 -0.94 20.21
CA LYS A 252 -6.29 -1.60 19.02
C LYS A 252 -6.84 -3.00 18.76
N PRO A 253 -6.96 -3.39 17.46
CA PRO A 253 -7.43 -4.75 17.17
C PRO A 253 -6.51 -5.82 17.75
N ARG A 254 -7.10 -6.81 18.39
CA ARG A 254 -6.45 -8.02 18.89
C ARG A 254 -5.86 -8.78 17.67
N ILE A 255 -6.73 -9.06 16.71
CA ILE A 255 -6.37 -9.56 15.39
C ILE A 255 -7.17 -8.81 14.35
N THR A 256 -6.61 -8.73 13.15
CA THR A 256 -7.28 -8.15 11.96
C THR A 256 -7.28 -9.27 10.89
N VAL A 257 -8.47 -9.72 10.47
CA VAL A 257 -8.59 -10.75 9.46
C VAL A 257 -9.03 -10.16 8.11
N THR A 258 -8.29 -10.53 7.07
CA THR A 258 -8.78 -10.39 5.69
C THR A 258 -8.70 -11.74 4.97
N THR A 259 -9.65 -11.98 4.06
CA THR A 259 -9.68 -13.23 3.28
C THR A 259 -9.26 -13.01 1.83
N HIS A 260 -8.36 -13.86 1.34
CA HIS A 260 -7.79 -13.75 0.00
C HIS A 260 -7.95 -15.06 -0.83
N PRO A 261 -8.84 -15.06 -1.86
CA PRO A 261 -8.97 -16.21 -2.77
C PRO A 261 -7.65 -16.59 -3.44
N THR A 262 -7.42 -17.87 -3.66
CA THR A 262 -6.22 -18.29 -4.35
C THR A 262 -6.59 -18.87 -5.68
N ARG A 263 -5.60 -18.92 -6.58
CA ARG A 263 -5.82 -19.45 -7.95
C ARG A 263 -6.35 -20.86 -8.02
N ASP A 264 -5.99 -21.71 -7.07
CA ASP A 264 -6.49 -23.09 -7.00
C ASP A 264 -7.86 -23.27 -6.30
N GLY A 265 -8.58 -22.18 -5.99
CA GLY A 265 -9.94 -22.28 -5.44
C GLY A 265 -10.07 -22.42 -3.91
N GLN A 266 -8.95 -22.37 -3.20
CA GLN A 266 -8.95 -22.24 -1.77
C GLN A 266 -8.91 -20.75 -1.43
N SER A 267 -8.84 -20.45 -0.13
CA SER A 267 -8.72 -19.10 0.40
C SER A 267 -7.62 -19.06 1.38
N VAL A 268 -7.22 -17.83 1.69
CA VAL A 268 -6.25 -17.61 2.72
C VAL A 268 -6.79 -16.53 3.64
N TRP A 269 -6.70 -16.79 4.93
CA TRP A 269 -6.94 -15.79 5.96
C TRP A 269 -5.61 -15.19 6.34
N TYR A 270 -5.52 -13.88 6.22
CA TYR A 270 -4.32 -13.13 6.49
C TYR A 270 -4.55 -12.38 7.80
N LEU A 271 -3.66 -12.61 8.77
CA LEU A 271 -3.84 -12.08 10.10
C LEU A 271 -2.82 -11.02 10.47
N GLY A 272 -3.32 -9.81 10.68
CA GLY A 272 -2.55 -8.71 11.29
C GLY A 272 -3.12 -8.32 12.63
N GLY A 273 -3.00 -7.03 12.96
CA GLY A 273 -3.33 -6.54 14.28
C GLY A 273 -2.22 -6.73 15.33
N ASP A 274 -2.62 -6.82 16.59
CA ASP A 274 -1.70 -6.83 17.71
C ASP A 274 -0.92 -8.16 17.80
N ILE A 275 -1.50 -9.23 17.27
CA ILE A 275 -0.79 -10.50 17.17
C ILE A 275 0.45 -10.39 16.25
N ALA A 276 0.40 -9.51 15.25
CA ALA A 276 1.53 -9.28 14.35
C ALA A 276 2.47 -8.19 14.81
N GLU A 277 2.21 -7.51 15.93
CA GLU A 277 3.06 -6.39 16.42
C GLU A 277 4.17 -6.90 17.32
N THR A 278 4.67 -6.06 18.22
CA THR A 278 5.88 -6.33 19.01
C THR A 278 6.10 -7.76 19.59
N ASP A 279 5.09 -8.36 20.24
CA ASP A 279 5.28 -9.71 20.79
C ASP A 279 5.22 -10.75 19.68
N GLY A 280 4.39 -10.55 18.68
CA GLY A 280 4.45 -11.37 17.49
C GLY A 280 5.81 -11.34 16.81
N VAL A 281 6.35 -10.13 16.67
CA VAL A 281 7.68 -9.97 16.09
C VAL A 281 8.71 -10.77 16.88
N ALA A 282 8.62 -10.79 18.21
CA ALA A 282 9.63 -11.50 19.01
C ALA A 282 9.50 -13.04 18.94
N ARG A 283 8.31 -13.57 18.68
CA ARG A 283 8.10 -15.00 18.54
C ARG A 283 8.63 -15.48 17.17
N ASP A 284 9.23 -16.67 17.19
CA ASP A 284 9.64 -17.33 15.96
C ASP A 284 8.41 -17.89 15.22
N GLU A 285 8.65 -18.45 14.04
CA GLU A 285 7.57 -18.86 13.17
C GLU A 285 6.54 -19.87 13.80
N ALA A 286 7.08 -20.91 14.45
CA ALA A 286 6.27 -21.93 15.11
C ALA A 286 5.50 -21.41 16.31
N ALA A 287 6.17 -20.65 17.18
CA ALA A 287 5.48 -19.95 18.27
C ALA A 287 4.40 -18.99 17.74
N GLN A 288 4.68 -18.27 16.65
CA GLN A 288 3.70 -17.35 16.07
C GLN A 288 2.50 -18.07 15.45
N ILE A 289 2.78 -19.16 14.72
CA ILE A 289 1.74 -20.06 14.23
C ILE A 289 0.93 -20.62 15.38
N ALA A 290 1.60 -21.14 16.39
CA ALA A 290 0.89 -21.76 17.51
C ALA A 290 -0.03 -20.75 18.21
N GLU A 291 0.43 -19.51 18.37
CA GLU A 291 -0.37 -18.41 18.93
C GLU A 291 -1.62 -18.11 18.06
N ALA A 292 -1.40 -18.04 16.77
CA ALA A 292 -2.48 -17.93 15.82
C ALA A 292 -3.49 -19.08 15.92
N ARG A 293 -3.06 -20.33 16.13
CA ARG A 293 -4.04 -21.45 16.25
C ARG A 293 -4.89 -21.34 17.48
N ARG A 294 -4.27 -21.01 18.60
CA ARG A 294 -5.02 -20.77 19.81
C ARG A 294 -6.09 -19.72 19.58
N GLU A 295 -5.71 -18.61 18.97
CA GLU A 295 -6.63 -17.49 18.87
C GLU A 295 -7.81 -17.74 17.90
N LEU A 296 -7.55 -18.40 16.77
CA LEU A 296 -8.64 -18.83 15.91
C LEU A 296 -9.57 -19.90 16.49
N ALA A 297 -9.04 -20.85 17.26
CA ALA A 297 -9.85 -21.82 18.02
C ALA A 297 -10.82 -21.14 18.98
N LYS A 298 -10.39 -20.03 19.59
CA LYS A 298 -11.28 -19.27 20.48
C LYS A 298 -12.31 -18.45 19.76
N LEU A 299 -11.90 -17.75 18.71
CA LEU A 299 -12.72 -16.75 18.09
C LEU A 299 -13.64 -17.30 17.02
N LEU A 300 -13.18 -18.32 16.28
CA LEU A 300 -13.90 -18.94 15.16
C LEU A 300 -13.85 -20.48 15.25
N PRO A 301 -14.26 -21.05 16.38
CA PRO A 301 -14.18 -22.51 16.54
C PRO A 301 -15.00 -23.38 15.53
N TRP A 302 -15.99 -22.79 14.85
CA TRP A 302 -16.84 -23.51 13.90
C TRP A 302 -16.15 -23.76 12.54
N ILE A 303 -14.97 -23.19 12.34
CA ILE A 303 -14.15 -23.44 11.14
C ILE A 303 -12.99 -24.40 11.43
N ASP A 304 -13.10 -25.65 10.92
CA ASP A 304 -12.07 -26.71 11.10
C ASP A 304 -10.78 -26.36 10.33
N LEU A 305 -9.72 -26.08 11.09
CA LEU A 305 -8.41 -25.78 10.55
C LEU A 305 -7.45 -26.99 10.56
N GLY A 306 -7.92 -28.18 10.93
CA GLY A 306 -7.06 -29.37 10.92
C GLY A 306 -6.31 -29.68 9.62
N GLN A 307 -6.86 -29.28 8.49
CA GLN A 307 -6.24 -29.54 7.21
C GLN A 307 -5.53 -28.32 6.61
N ALA A 308 -5.39 -27.27 7.40
CA ALA A 308 -4.93 -26.00 6.92
C ALA A 308 -3.44 -26.02 6.77
N GLN A 309 -2.95 -25.22 5.82
CA GLN A 309 -1.52 -24.92 5.81
C GLN A 309 -1.31 -23.54 6.45
N TRP A 310 -0.13 -23.37 7.06
CA TRP A 310 0.23 -22.23 7.88
C TRP A 310 1.58 -21.71 7.48
N ALA A 311 1.69 -20.40 7.36
CA ALA A 311 2.96 -19.73 7.12
C ALA A 311 2.96 -18.37 7.82
N THR A 312 4.11 -17.75 7.93
CA THR A 312 4.17 -16.39 8.44
C THR A 312 5.01 -15.54 7.51
N LEU A 313 4.90 -14.23 7.70
CA LEU A 313 5.58 -13.28 6.88
C LEU A 313 6.09 -12.12 7.73
N ARG A 314 7.40 -11.84 7.64
CA ARG A 314 8.05 -10.73 8.34
C ARG A 314 8.19 -9.62 7.32
N VAL A 315 7.75 -8.41 7.66
CA VAL A 315 7.92 -7.26 6.79
C VAL A 315 7.94 -5.99 7.61
N ASP A 316 8.80 -5.07 7.19
CA ASP A 316 8.97 -3.75 7.84
C ASP A 316 8.00 -2.74 7.24
N ARG A 317 7.34 -1.96 8.08
CA ARG A 317 6.64 -0.76 7.63
C ARG A 317 7.69 0.33 7.53
N ALA A 318 7.67 1.08 6.44
CA ALA A 318 8.58 2.18 6.16
C ALA A 318 7.86 3.49 6.36
N GLU A 319 8.29 4.25 7.36
CA GLU A 319 7.62 5.47 7.78
C GLU A 319 8.60 6.61 8.07
N PRO A 320 8.09 7.85 8.04
CA PRO A 320 8.91 8.93 8.56
C PRO A 320 9.25 8.72 10.03
N ALA A 321 10.49 9.04 10.39
CA ALA A 321 10.88 8.99 11.80
C ALA A 321 10.07 10.02 12.56
N GLN A 322 9.81 9.75 13.83
CA GLN A 322 9.14 10.69 14.71
C GLN A 322 9.91 11.99 14.90
N SER A 323 11.19 12.00 14.55
CA SER A 323 11.98 13.22 14.60
C SER A 323 11.61 14.28 13.50
N ASN A 324 10.84 13.90 12.47
CA ASN A 324 10.29 14.84 11.48
C ASN A 324 9.03 15.62 11.92
N LEU A 325 8.75 16.73 11.24
CA LEU A 325 7.51 17.48 11.42
C LEU A 325 6.32 16.75 10.76
N LEU A 326 5.58 15.95 11.54
CA LEU A 326 4.46 15.10 11.07
C LEU A 326 3.12 15.61 11.55
N ARG A 327 2.08 15.31 10.77
CA ARG A 327 0.70 15.25 11.24
C ARG A 327 0.30 13.77 11.18
N PRO A 328 -0.13 13.18 12.31
CA PRO A 328 -0.33 11.72 12.33
C PRO A 328 -1.19 11.01 11.25
N ASP A 329 -2.50 11.24 11.13
CA ASP A 329 -3.28 10.42 10.14
C ASP A 329 -3.19 11.03 8.74
N ASN A 330 -1.97 11.34 8.30
CA ASN A 330 -1.67 12.03 7.02
C ASN A 330 -0.48 11.40 6.35
N ALA A 331 -0.41 11.56 5.04
CA ALA A 331 0.77 11.21 4.31
C ALA A 331 1.85 12.19 4.78
N PHE A 332 3.10 11.81 4.61
CA PHE A 332 4.24 12.69 4.91
C PHE A 332 5.01 13.05 3.59
N LEU A 333 5.32 14.33 3.44
CA LEU A 333 6.14 14.80 2.34
C LEU A 333 7.12 15.84 2.81
N ALA A 334 8.34 15.77 2.27
CA ALA A 334 9.37 16.76 2.47
C ALA A 334 10.04 17.11 1.13
N GLU A 335 10.77 18.22 1.12
CA GLU A 335 11.54 18.62 -0.04
C GLU A 335 12.86 19.26 0.26
N GLN A 336 13.81 19.12 -0.64
CA GLN A 336 15.05 19.84 -0.67
C GLN A 336 15.29 20.20 -2.17
N GLY A 337 15.22 21.49 -2.50
CA GLY A 337 15.37 21.92 -3.87
C GLY A 337 14.28 21.29 -4.73
N ARG A 338 14.68 20.58 -5.77
CA ARG A 338 13.73 19.97 -6.70
C ARG A 338 13.36 18.52 -6.33
N LEU A 339 13.77 18.10 -5.13
CA LEU A 339 13.57 16.75 -4.67
C LEU A 339 12.40 16.76 -3.72
N LEU A 340 11.51 15.80 -3.94
CA LEU A 340 10.34 15.61 -3.10
C LEU A 340 10.43 14.19 -2.67
N VAL A 341 10.09 13.90 -1.43
CA VAL A 341 10.29 12.58 -0.88
C VAL A 341 9.30 12.30 0.24
N GLY A 342 8.78 11.09 0.26
CA GLY A 342 7.92 10.75 1.36
C GLY A 342 7.35 9.38 1.40
N TRP A 343 6.40 9.26 2.32
CA TRP A 343 5.75 8.00 2.66
C TRP A 343 4.27 8.24 2.93
N PRO A 344 3.39 7.36 2.45
CA PRO A 344 1.95 7.51 2.70
C PRO A 344 1.54 7.19 4.11
N THR A 345 2.27 6.31 4.79
CA THR A 345 1.98 5.81 6.14
C THR A 345 0.91 4.71 6.13
N LYS A 346 -0.12 4.89 5.31
CA LYS A 346 -1.12 3.85 5.05
C LYS A 346 -1.36 3.78 3.56
N LEU A 347 -1.72 2.63 3.07
CA LEU A 347 -2.10 2.48 1.71
C LEU A 347 -3.32 3.35 1.39
N ALA A 348 -4.26 3.36 2.34
CA ALA A 348 -5.43 4.21 2.35
C ALA A 348 -5.15 5.65 1.98
N LEU A 349 -4.01 6.17 2.44
CA LEU A 349 -3.61 7.57 2.35
C LEU A 349 -2.76 7.90 1.10
N ALA A 350 -2.67 6.97 0.16
CA ALA A 350 -1.95 7.24 -1.07
C ALA A 350 -2.53 8.43 -1.82
N PRO A 351 -3.87 8.59 -1.85
CA PRO A 351 -4.39 9.79 -2.51
C PRO A 351 -4.05 11.14 -1.79
N ASP A 352 -3.77 11.09 -0.49
CA ASP A 352 -3.35 12.26 0.27
C ASP A 352 -1.88 12.57 -0.06
N PHE A 353 -1.10 11.53 -0.30
CA PHE A 353 0.31 11.70 -0.71
C PHE A 353 0.37 12.40 -2.06
N ALA A 354 -0.38 11.90 -3.04
CA ALA A 354 -0.60 12.59 -4.31
C ALA A 354 -1.04 14.07 -4.14
N ASP A 355 -2.07 14.34 -3.35
CA ASP A 355 -2.52 15.74 -3.09
C ASP A 355 -1.40 16.63 -2.58
N ARG A 356 -0.55 16.09 -1.70
CA ARG A 356 0.52 16.87 -1.09
C ARG A 356 1.56 17.20 -2.11
N VAL A 357 1.87 16.25 -2.99
CA VAL A 357 2.78 16.51 -4.09
C VAL A 357 2.18 17.53 -5.07
N CYS A 358 0.91 17.34 -5.45
CA CYS A 358 0.27 18.23 -6.44
C CYS A 358 0.15 19.67 -5.92
N ALA A 359 -0.11 19.85 -4.62
CA ALA A 359 -0.14 21.19 -4.04
C ALA A 359 1.23 21.88 -4.01
N ARG A 360 2.32 21.12 -3.89
CA ARG A 360 3.66 21.70 -4.03
C ARG A 360 3.91 22.16 -5.43
N LEU A 361 3.49 21.35 -6.40
CA LEU A 361 3.66 21.66 -7.80
C LEU A 361 2.84 22.88 -8.16
N GLU A 362 1.59 22.83 -7.76
CA GLU A 362 0.66 23.94 -7.82
C GLU A 362 1.23 25.23 -7.17
N GLU A 363 1.69 25.17 -5.92
CA GLU A 363 2.24 26.36 -5.28
C GLU A 363 3.53 26.88 -5.98
N ASP A 364 4.36 25.96 -6.46
CA ASP A 364 5.63 26.31 -7.08
C ASP A 364 5.50 26.74 -8.52
N GLY A 365 4.32 26.54 -9.11
CA GLY A 365 4.03 26.96 -10.46
C GLY A 365 4.58 26.03 -11.52
N ILE A 366 4.76 24.75 -11.22
CA ILE A 366 5.31 23.79 -12.20
C ILE A 366 4.18 23.32 -13.12
N ARG A 367 4.31 23.52 -14.44
CA ARG A 367 3.31 23.08 -15.43
C ARG A 367 3.85 22.08 -16.43
N PRO A 368 2.96 21.33 -17.11
CA PRO A 368 3.47 20.42 -18.13
C PRO A 368 4.20 21.17 -19.21
N SER A 369 5.37 20.70 -19.59
CA SER A 369 6.13 21.29 -20.68
C SER A 369 5.96 20.41 -21.94
N GLU A 370 6.82 20.58 -22.94
CA GLU A 370 6.78 19.75 -24.15
C GLU A 370 8.02 18.84 -24.18
N HIS A 371 7.79 17.55 -24.42
CA HIS A 371 8.84 16.54 -24.46
C HIS A 371 8.59 15.55 -25.58
N ALA A 372 9.70 15.06 -26.14
CA ALA A 372 9.69 13.97 -27.12
C ALA A 372 8.96 12.83 -26.51
N ALA A 373 8.27 12.06 -27.34
CA ALA A 373 7.65 10.81 -26.89
C ALA A 373 8.69 9.86 -26.29
N LEU A 374 8.29 9.08 -25.30
CA LEU A 374 9.21 8.11 -24.72
C LEU A 374 9.44 6.99 -25.73
N PRO A 375 10.68 6.46 -25.81
CA PRO A 375 10.90 5.25 -26.64
C PRO A 375 10.32 4.03 -25.93
N GLN A 376 10.60 2.84 -26.47
CA GLN A 376 10.33 1.61 -25.73
C GLN A 376 11.34 1.52 -24.61
N LEU A 377 10.85 1.10 -23.45
CA LEU A 377 11.64 1.02 -22.23
C LEU A 377 11.47 -0.36 -21.61
N PRO A 378 12.53 -0.89 -20.95
CA PRO A 378 12.34 -2.12 -20.20
C PRO A 378 11.33 -1.89 -19.04
N ARG A 379 10.45 -2.86 -18.82
CA ARG A 379 9.30 -2.67 -17.98
C ARG A 379 9.44 -3.49 -16.71
N PRO A 380 9.10 -2.89 -15.57
CA PRO A 380 9.14 -3.67 -14.33
C PRO A 380 8.04 -4.76 -14.32
N PRO A 381 8.29 -5.91 -13.66
CA PRO A 381 7.24 -6.88 -13.47
C PRO A 381 6.28 -6.51 -12.32
N LEU A 382 5.11 -7.13 -12.29
CA LEU A 382 4.21 -7.07 -11.17
C LEU A 382 4.53 -8.11 -10.12
N ALA A 383 4.32 -7.74 -8.86
CA ALA A 383 4.55 -8.64 -7.74
C ALA A 383 3.36 -9.59 -7.58
N GLU A 384 3.66 -10.81 -7.14
CA GLU A 384 2.64 -11.73 -6.69
C GLU A 384 2.38 -11.54 -5.19
N PRO A 385 1.14 -11.74 -4.75
CA PRO A 385 0.89 -11.76 -3.31
C PRO A 385 1.58 -12.93 -2.62
N ALA A 386 2.00 -12.77 -1.37
CA ALA A 386 2.69 -13.85 -0.58
C ALA A 386 1.91 -15.19 -0.45
N TRP A 387 0.59 -15.09 -0.35
CA TRP A 387 -0.28 -16.27 -0.36
C TRP A 387 -0.18 -17.17 -1.61
N GLU A 388 0.22 -16.62 -2.77
CA GLU A 388 0.52 -17.47 -3.91
C GLU A 388 1.94 -18.03 -3.83
N VAL A 389 2.88 -17.27 -3.30
CA VAL A 389 4.28 -17.75 -3.22
C VAL A 389 4.53 -18.68 -2.03
N ALA A 390 3.88 -18.42 -0.90
CA ALA A 390 4.16 -19.17 0.35
C ALA A 390 3.58 -20.60 0.34
N PHE A 391 2.49 -20.82 -0.37
CA PHE A 391 1.93 -22.16 -0.46
C PHE A 391 2.13 -22.74 -1.86
N ALA A 392 2.42 -21.88 -2.84
CA ALA A 392 2.30 -22.24 -4.28
C ALA A 392 3.19 -21.38 -5.22
PA FAD B . 6.06 0.28 -1.09
O1A FAD B . 4.80 -0.47 -1.40
O2A FAD B . 7.09 -0.30 -0.18
O5B FAD B . 6.72 0.64 -2.50
C5B FAD B . 8.03 1.13 -2.61
C4B FAD B . 8.52 0.71 -3.97
O4B FAD B . 9.79 1.35 -4.24
C3B FAD B . 8.72 -0.81 -4.05
O3B FAD B . 7.97 -1.36 -5.13
C2B FAD B . 10.22 -0.95 -4.24
O2B FAD B . 10.62 -2.07 -5.04
C1B FAD B . 10.62 0.38 -4.86
N9A FAD B . 12.01 0.75 -4.62
C8A FAD B . 12.68 0.64 -3.46
N7A FAD B . 13.94 1.07 -3.61
C5A FAD B . 14.09 1.46 -4.88
C6A FAD B . 15.20 2.01 -5.68
N6A FAD B . 16.39 2.22 -5.09
N1A FAD B . 14.97 2.30 -6.98
C2A FAD B . 13.77 2.09 -7.54
N3A FAD B . 12.71 1.58 -6.86
C4A FAD B . 12.82 1.26 -5.55
N1 FAD B . -2.36 0.33 4.91
C2 FAD B . -3.71 0.45 4.83
O2 FAD B . -4.20 1.56 4.53
N3 FAD B . -4.53 -0.59 5.06
C4 FAD B . -4.09 -1.80 5.37
O4 FAD B . -4.87 -2.75 5.57
C4X FAD B . -2.64 -2.01 5.48
N5 FAD B . -2.12 -3.21 5.81
C5X FAD B . -0.79 -3.39 5.90
C6 FAD B . -0.31 -4.65 6.22
C7 FAD B . 1.05 -4.88 6.30
C7M FAD B . 1.55 -6.25 6.65
C8 FAD B . 2.00 -3.77 6.03
C8M FAD B . 3.49 -3.96 6.09
C9 FAD B . 1.51 -2.52 5.72
C9A FAD B . 0.14 -2.26 5.63
N10 FAD B . -0.39 -0.99 5.31
C10 FAD B . -1.78 -0.84 5.22
C1' FAD B . 0.47 0.16 5.02
C2' FAD B . 0.78 0.14 3.53
O2' FAD B . 1.10 -1.19 3.08
C3' FAD B . 1.91 1.11 3.21
O3' FAD B . 1.66 2.35 3.90
C4' FAD B . 1.97 1.38 1.70
O4' FAD B . 1.72 0.19 0.94
C5' FAD B . 3.34 1.92 1.29
O5' FAD B . 3.29 2.30 -0.08
P FAD B . 4.64 2.79 -0.79
O1P FAD B . 4.40 2.83 -2.28
O2P FAD B . 5.05 4.02 -0.06
O3P FAD B . 5.70 1.67 -0.36
HG HG C . -13.23 -10.68 19.02
HG HG D . -10.72 -10.35 19.80
#